data_7HSR
#
_entry.id   7HSR
#
_cell.length_a   98.779
_cell.length_b   98.768
_cell.length_c   127.832
_cell.angle_alpha   90.00
_cell.angle_beta   90.00
_cell.angle_gamma   90.00
#
_symmetry.space_group_name_H-M   'I 2 2 2'
#
loop_
_entity.id
_entity.type
_entity.pdbx_description
1 polymer 'Oleoyl-acyl carrier protein thioesterase 1, chloroplastic'
2 non-polymer 'methyl 3-(methylsulfonylamino)benzoate'
3 non-polymer 'SULFATE ION'
4 water water
#
_entity_poly.entity_id   1
_entity_poly.type   'polypeptide(L)'
_entity_poly.pdbx_seq_one_letter_code
;MGSLTEDGLSYKEKFVVRSYEVGSNKTATVETIANLLQEVGCNHAQSVGFSTDGFATTTTMRKLHLIWVTARMHIEIYKY
PAWGDVVEIETWCQSEGRIGTRRDWILKDSVTGEVTGRATSKWVMMNQDTRRLQKVSDDVRDEYLVFCPQEPRLAFPEEN
NRSLKKIPKLEDPAQYSMIGLKPRRADLDMNQHVNNVTYIGWVLESIPQEIVDTHELQVITLDYRRECQQDDVVDSLTTT
TSEIGGTNGSATSGTQGHNDSQFLHLLRLSGDGQEINRGTTLWRKKPSSHHHHHH
;
_entity_poly.pdbx_strand_id   A,B
#
loop_
_chem_comp.id
_chem_comp.type
_chem_comp.name
_chem_comp.formula
6SU non-polymer 'methyl 3-(methylsulfonylamino)benzoate' 'C9 H11 N O4 S'
SO4 non-polymer 'SULFATE ION' 'O4 S -2'
#
# COMPACT_ATOMS: atom_id res chain seq x y z
N GLY A 2 -11.12 -2.56 16.59
CA GLY A 2 -11.20 -1.12 16.83
C GLY A 2 -12.41 -0.71 17.63
N SER A 3 -12.19 0.14 18.64
CA SER A 3 -13.27 0.63 19.49
C SER A 3 -12.83 1.83 20.30
N LEU A 4 -13.79 2.68 20.67
CA LEU A 4 -13.53 3.83 21.52
C LEU A 4 -13.22 3.35 22.93
N THR A 5 -12.40 4.11 23.66
CA THR A 5 -12.07 3.77 25.04
C THR A 5 -13.34 3.89 25.95
N GLU A 6 -13.21 3.69 27.27
CA GLU A 6 -14.36 3.77 28.17
C GLU A 6 -14.97 5.17 28.18
N ASP A 7 -14.14 6.21 28.26
CA ASP A 7 -14.64 7.58 28.29
C ASP A 7 -15.23 8.08 26.97
N GLY A 8 -14.93 7.41 25.86
CA GLY A 8 -15.41 7.81 24.55
C GLY A 8 -14.65 8.99 23.95
N LEU A 9 -13.52 9.41 24.59
CA LEU A 9 -12.71 10.53 24.13
C LEU A 9 -11.42 10.14 23.38
N SER A 10 -11.23 8.85 23.12
CA SER A 10 -10.10 8.31 22.36
C SER A 10 -10.50 6.97 21.69
N TYR A 11 -9.68 6.47 20.74
CA TYR A 11 -10.00 5.25 20.01
C TYR A 11 -8.78 4.33 19.95
N LYS A 12 -8.98 3.00 20.16
CA LYS A 12 -7.88 2.04 20.12
C LYS A 12 -8.12 0.98 19.04
N GLU A 13 -7.06 0.57 18.32
CA GLU A 13 -7.18 -0.47 17.30
C GLU A 13 -5.91 -1.33 17.25
N LYS A 14 -6.06 -2.63 16.91
CA LYS A 14 -4.95 -3.55 16.80
C LYS A 14 -4.74 -3.95 15.35
N PHE A 15 -3.48 -3.96 14.91
CA PHE A 15 -3.13 -4.31 13.55
C PHE A 15 -2.10 -5.43 13.57
N VAL A 16 -2.25 -6.44 12.71
CA VAL A 16 -1.25 -7.50 12.59
C VAL A 16 -0.40 -7.10 11.36
N VAL A 17 0.93 -6.97 11.51
CA VAL A 17 1.80 -6.53 10.42
C VAL A 17 1.87 -7.60 9.29
N ARG A 18 1.75 -7.14 8.03
CA ARG A 18 1.69 -7.98 6.83
C ARG A 18 3.02 -8.16 6.09
N SER A 19 3.14 -9.26 5.31
CA SER A 19 4.34 -9.58 4.53
C SER A 19 4.76 -8.45 3.61
N TYR A 20 3.80 -7.82 2.91
CA TYR A 20 4.12 -6.75 1.96
C TYR A 20 4.34 -5.38 2.61
N GLU A 21 4.08 -5.27 3.92
CA GLU A 21 4.23 -4.02 4.69
C GLU A 21 5.64 -3.82 5.26
N VAL A 22 6.50 -4.85 5.23
CA VAL A 22 7.83 -4.77 5.82
C VAL A 22 8.93 -4.47 4.80
N GLY A 23 10.02 -3.88 5.29
CA GLY A 23 11.20 -3.54 4.50
C GLY A 23 12.27 -4.62 4.56
N SER A 24 13.51 -4.27 4.22
N SER A 24 13.51 -4.27 4.22
N SER A 24 13.51 -4.27 4.22
CA SER A 24 14.63 -5.20 4.21
CA SER A 24 14.64 -5.20 4.20
CA SER A 24 14.63 -5.20 4.21
C SER A 24 15.01 -5.76 5.58
C SER A 24 15.01 -5.76 5.58
C SER A 24 15.01 -5.76 5.58
N ASN A 25 14.62 -5.07 6.66
CA ASN A 25 14.93 -5.54 8.03
C ASN A 25 13.82 -6.45 8.61
N LYS A 26 12.83 -6.89 7.78
CA LYS A 26 11.68 -7.70 8.22
C LYS A 26 10.79 -6.98 9.26
N THR A 27 10.89 -5.65 9.33
CA THR A 27 10.10 -4.80 10.21
C THR A 27 9.34 -3.77 9.36
N ALA A 28 8.18 -3.31 9.86
CA ALA A 28 7.33 -2.35 9.17
C ALA A 28 8.07 -1.11 8.68
N THR A 29 7.59 -0.53 7.59
CA THR A 29 8.18 0.69 7.05
C THR A 29 7.45 1.90 7.64
N VAL A 30 8.09 3.08 7.62
CA VAL A 30 7.46 4.29 8.15
C VAL A 30 6.17 4.65 7.40
N GLU A 31 6.06 4.26 6.12
CA GLU A 31 4.87 4.49 5.32
C GLU A 31 3.74 3.58 5.73
N THR A 32 4.05 2.34 6.15
CA THR A 32 3.07 1.39 6.65
C THR A 32 2.49 1.94 7.95
N ILE A 33 3.36 2.44 8.85
CA ILE A 33 2.98 3.07 10.11
C ILE A 33 2.08 4.29 9.83
N ALA A 34 2.52 5.20 8.93
CA ALA A 34 1.74 6.40 8.53
C ALA A 34 0.39 6.07 7.87
N ASN A 35 0.30 4.90 7.24
CA ASN A 35 -0.93 4.40 6.63
C ASN A 35 -1.85 3.90 7.76
N LEU A 36 -1.28 3.13 8.72
CA LEU A 36 -2.00 2.61 9.89
C LEU A 36 -2.54 3.71 10.78
N LEU A 37 -1.80 4.83 10.91
CA LEU A 37 -2.22 6.00 11.70
C LEU A 37 -3.43 6.66 11.04
N GLN A 38 -3.43 6.74 9.70
CA GLN A 38 -4.51 7.32 8.92
C GLN A 38 -5.77 6.45 9.04
N GLU A 39 -5.60 5.12 9.04
CA GLU A 39 -6.68 4.15 9.16
C GLU A 39 -7.37 4.22 10.53
N VAL A 40 -6.60 4.29 11.62
CA VAL A 40 -7.19 4.40 12.96
C VAL A 40 -7.88 5.79 13.16
N GLY A 41 -7.41 6.82 12.46
CA GLY A 41 -8.01 8.14 12.46
C GLY A 41 -9.34 8.16 11.72
N CYS A 42 -9.44 7.38 10.64
N CYS A 42 -9.44 7.37 10.64
N CYS A 42 -9.44 7.38 10.64
CA CYS A 42 -10.67 7.28 9.85
CA CYS A 42 -10.66 7.27 9.85
CA CYS A 42 -10.67 7.28 9.85
C CYS A 42 -11.72 6.50 10.64
C CYS A 42 -11.71 6.49 10.63
C CYS A 42 -11.72 6.50 10.64
N ASN A 43 -11.29 5.42 11.30
CA ASN A 43 -12.18 4.58 12.11
C ASN A 43 -12.64 5.32 13.36
N HIS A 44 -11.79 6.20 13.94
CA HIS A 44 -12.19 6.99 15.10
C HIS A 44 -13.27 8.00 14.67
N ALA A 45 -13.11 8.63 13.50
CA ALA A 45 -14.08 9.58 12.96
C ALA A 45 -15.41 8.89 12.63
N GLN A 46 -15.33 7.66 12.10
CA GLN A 46 -16.51 6.86 11.74
C GLN A 46 -17.28 6.43 12.99
N SER A 47 -16.56 6.08 14.06
N SER A 47 -16.56 6.08 14.06
N SER A 47 -16.56 6.08 14.06
CA SER A 47 -17.18 5.65 15.30
CA SER A 47 -17.19 5.65 15.31
CA SER A 47 -17.18 5.65 15.30
C SER A 47 -17.95 6.75 16.04
C SER A 47 -17.97 6.75 16.03
C SER A 47 -17.95 6.75 16.04
N VAL A 48 -17.69 8.02 15.72
CA VAL A 48 -18.38 9.14 16.37
C VAL A 48 -19.36 9.90 15.43
N GLY A 49 -19.75 9.28 14.32
CA GLY A 49 -20.72 9.89 13.41
C GLY A 49 -20.24 10.84 12.34
N PHE A 50 -19.01 10.64 11.83
CA PHE A 50 -18.49 11.49 10.75
C PHE A 50 -18.44 10.73 9.40
N SER A 51 -18.19 11.46 8.29
CA SER A 51 -18.08 10.90 6.94
C SER A 51 -17.26 11.82 6.03
N ALA A 56 -12.91 14.03 8.24
CA ALA A 56 -13.71 14.17 9.46
C ALA A 56 -14.63 15.41 9.36
N THR A 57 -15.33 15.57 8.22
CA THR A 57 -16.21 16.71 8.00
C THR A 57 -17.48 16.68 8.87
N THR A 58 -17.73 17.79 9.58
CA THR A 58 -18.90 17.96 10.45
C THR A 58 -20.12 18.46 9.62
N THR A 59 -21.30 18.64 10.25
CA THR A 59 -22.50 19.11 9.58
C THR A 59 -22.30 20.51 8.98
N THR A 60 -21.66 21.43 9.74
CA THR A 60 -21.40 22.80 9.28
C THR A 60 -20.31 22.82 8.18
N MET A 61 -19.34 21.90 8.26
N MET A 61 -19.34 21.90 8.26
N MET A 61 -19.34 21.90 8.26
CA MET A 61 -18.27 21.81 7.27
CA MET A 61 -18.27 21.82 7.27
CA MET A 61 -18.27 21.81 7.27
C MET A 61 -18.76 21.28 5.93
C MET A 61 -18.79 21.30 5.92
C MET A 61 -18.76 21.28 5.93
N ARG A 62 -19.79 20.42 5.93
CA ARG A 62 -20.36 19.89 4.70
C ARG A 62 -21.22 21.00 4.05
N LYS A 63 -21.98 21.73 4.88
CA LYS A 63 -22.86 22.86 4.53
C LYS A 63 -22.07 24.04 3.92
N LEU A 64 -20.79 24.20 4.31
CA LEU A 64 -19.99 25.32 3.82
C LEU A 64 -18.90 24.95 2.81
N HIS A 65 -18.80 23.66 2.41
CA HIS A 65 -17.79 23.15 1.49
C HIS A 65 -16.39 23.30 2.07
N LEU A 66 -16.25 23.01 3.36
CA LEU A 66 -15.00 23.09 4.12
C LEU A 66 -14.50 21.70 4.48
N ILE A 67 -13.18 21.49 4.35
CA ILE A 67 -12.48 20.24 4.64
C ILE A 67 -11.25 20.46 5.56
N TRP A 68 -10.73 19.40 6.14
CA TRP A 68 -9.54 19.47 6.99
C TRP A 68 -8.37 18.97 6.16
N VAL A 69 -7.31 19.77 6.04
CA VAL A 69 -6.13 19.34 5.31
C VAL A 69 -4.92 19.27 6.27
N THR A 70 -3.97 18.36 6.00
CA THR A 70 -2.81 18.22 6.88
C THR A 70 -1.82 19.36 6.66
N ALA A 71 -1.55 20.14 7.69
CA ALA A 71 -0.56 21.21 7.66
C ALA A 71 0.82 20.66 8.09
N ARG A 72 0.85 19.79 9.09
CA ARG A 72 2.08 19.20 9.61
C ARG A 72 1.89 17.78 10.14
N MET A 73 2.91 16.94 10.04
CA MET A 73 2.93 15.55 10.51
C MET A 73 4.29 15.29 11.19
N HIS A 74 4.27 14.78 12.42
CA HIS A 74 5.49 14.49 13.16
C HIS A 74 5.42 13.06 13.69
N ILE A 75 6.38 12.21 13.31
CA ILE A 75 6.38 10.82 13.75
C ILE A 75 7.73 10.44 14.39
N GLU A 76 7.68 9.78 15.55
CA GLU A 76 8.88 9.31 16.21
C GLU A 76 8.72 7.82 16.53
N ILE A 77 9.62 6.97 16.00
CA ILE A 77 9.57 5.52 16.19
C ILE A 77 10.75 5.02 17.03
N TYR A 78 10.50 4.19 18.04
CA TYR A 78 11.55 3.61 18.89
C TYR A 78 11.88 2.19 18.43
N LYS A 79 10.86 1.43 18.04
CA LYS A 79 10.97 0.06 17.54
C LYS A 79 9.93 -0.12 16.41
N TYR A 80 10.34 -0.65 15.26
CA TYR A 80 9.40 -0.88 14.17
C TYR A 80 8.82 -2.29 14.33
N PRO A 81 7.49 -2.46 14.35
CA PRO A 81 6.92 -3.81 14.55
C PRO A 81 7.32 -4.80 13.46
N ALA A 82 7.78 -5.98 13.85
CA ALA A 82 8.20 -7.03 12.92
C ALA A 82 7.00 -7.71 12.22
N TRP A 83 7.24 -8.38 11.09
CA TRP A 83 6.23 -9.10 10.31
C TRP A 83 5.54 -10.18 11.19
N GLY A 84 4.24 -10.03 11.38
CA GLY A 84 3.47 -10.94 12.20
C GLY A 84 3.13 -10.41 13.57
N ASP A 85 3.79 -9.31 14.00
CA ASP A 85 3.56 -8.69 15.29
C ASP A 85 2.24 -7.93 15.34
N VAL A 86 1.69 -7.73 16.54
CA VAL A 86 0.47 -6.98 16.71
C VAL A 86 0.82 -5.62 17.30
N VAL A 87 0.42 -4.55 16.63
CA VAL A 87 0.70 -3.18 17.05
C VAL A 87 -0.61 -2.50 17.44
N GLU A 88 -0.71 -2.06 18.71
CA GLU A 88 -1.91 -1.36 19.15
C GLU A 88 -1.70 0.14 19.02
N ILE A 89 -2.58 0.81 18.28
CA ILE A 89 -2.48 2.26 18.10
C ILE A 89 -3.67 2.94 18.77
N GLU A 90 -3.38 3.94 19.59
CA GLU A 90 -4.43 4.72 20.25
C GLU A 90 -4.41 6.15 19.70
N THR A 91 -5.56 6.65 19.25
CA THR A 91 -5.66 8.00 18.67
C THR A 91 -6.75 8.85 19.36
N TRP A 92 -6.58 10.16 19.30
CA TRP A 92 -7.51 11.12 19.87
C TRP A 92 -7.33 12.49 19.22
N CYS A 93 -8.41 13.29 19.16
N CYS A 93 -8.40 13.28 19.19
N CYS A 93 -8.41 13.29 19.16
CA CYS A 93 -8.35 14.62 18.57
CA CYS A 93 -8.38 14.62 18.61
CA CYS A 93 -8.35 14.62 18.57
C CYS A 93 -8.49 15.72 19.62
C CYS A 93 -8.44 15.71 19.66
C CYS A 93 -8.49 15.72 19.62
N GLN A 94 -8.00 16.92 19.31
CA GLN A 94 -8.04 18.04 20.23
C GLN A 94 -8.12 19.36 19.47
N SER A 95 -8.86 20.33 20.01
CA SER A 95 -8.98 21.65 19.38
C SER A 95 -7.78 22.50 19.78
N GLU A 96 -7.33 23.34 18.84
CA GLU A 96 -6.25 24.27 19.11
C GLU A 96 -6.77 25.67 18.81
N GLY A 97 -7.89 26.00 19.44
CA GLY A 97 -8.54 27.29 19.27
C GLY A 97 -8.98 27.52 17.82
N ARG A 98 -8.87 28.77 17.35
CA ARG A 98 -9.24 29.08 15.97
C ARG A 98 -8.16 28.75 14.94
N ILE A 99 -7.01 28.22 15.37
CA ILE A 99 -5.93 27.86 14.44
C ILE A 99 -6.31 26.61 13.65
N GLY A 100 -6.81 25.61 14.35
CA GLY A 100 -7.23 24.37 13.72
C GLY A 100 -7.44 23.25 14.71
N THR A 101 -7.16 22.01 14.29
CA THR A 101 -7.26 20.83 15.12
C THR A 101 -5.93 20.04 15.14
N ARG A 102 -5.80 19.14 16.11
CA ARG A 102 -4.63 18.30 16.27
C ARG A 102 -5.10 16.85 16.48
N ARG A 103 -4.37 15.91 15.89
CA ARG A 103 -4.64 14.50 16.10
C ARG A 103 -3.33 13.87 16.57
N ASP A 104 -3.37 13.14 17.70
CA ASP A 104 -2.21 12.46 18.28
C ASP A 104 -2.40 10.94 18.29
N TRP A 105 -1.27 10.22 18.31
CA TRP A 105 -1.25 8.77 18.30
C TRP A 105 -0.16 8.27 19.23
N ILE A 106 -0.42 7.11 19.86
CA ILE A 106 0.53 6.39 20.68
C ILE A 106 0.55 4.98 20.10
N LEU A 107 1.73 4.49 19.72
CA LEU A 107 1.89 3.15 19.17
C LEU A 107 2.51 2.29 20.26
N LYS A 108 1.92 1.12 20.52
CA LYS A 108 2.40 0.19 21.54
C LYS A 108 2.51 -1.24 21.00
N ASP A 109 3.34 -2.08 21.64
CA ASP A 109 3.41 -3.49 21.30
C ASP A 109 2.24 -4.13 22.07
N SER A 110 1.47 -5.02 21.43
CA SER A 110 0.33 -5.63 22.09
C SER A 110 0.77 -6.59 23.20
N VAL A 111 1.82 -7.39 22.92
CA VAL A 111 2.32 -8.38 23.87
C VAL A 111 2.89 -7.75 25.15
N THR A 112 3.85 -6.82 25.00
CA THR A 112 4.50 -6.20 26.14
C THR A 112 3.76 -4.96 26.69
N GLY A 113 3.04 -4.25 25.85
CA GLY A 113 2.36 -3.01 26.25
C GLY A 113 3.29 -1.80 26.33
N GLU A 114 4.50 -1.94 25.78
CA GLU A 114 5.57 -0.95 25.76
C GLU A 114 5.33 0.01 24.58
N VAL A 115 5.56 1.32 24.79
CA VAL A 115 5.39 2.32 23.74
C VAL A 115 6.50 2.20 22.70
N THR A 116 6.15 1.79 21.49
CA THR A 116 7.12 1.62 20.40
C THR A 116 7.17 2.81 19.41
N GLY A 117 6.34 3.81 19.63
CA GLY A 117 6.29 4.99 18.77
C GLY A 117 5.21 5.97 19.16
N ARG A 118 5.25 7.17 18.57
CA ARG A 118 4.26 8.21 18.84
C ARG A 118 4.22 9.24 17.72
N ALA A 119 3.03 9.78 17.43
CA ALA A 119 2.88 10.75 16.37
C ALA A 119 1.92 11.90 16.70
N THR A 120 2.12 13.04 16.05
CA THR A 120 1.27 14.23 16.22
C THR A 120 1.09 14.91 14.86
N SER A 121 -0.10 15.47 14.60
CA SER A 121 -0.36 16.14 13.33
C SER A 121 -1.26 17.35 13.50
N LYS A 122 -0.93 18.45 12.78
CA LYS A 122 -1.73 19.68 12.80
C LYS A 122 -2.56 19.77 11.50
N TRP A 123 -3.84 20.11 11.62
CA TRP A 123 -4.74 20.18 10.47
C TRP A 123 -5.35 21.58 10.34
N VAL A 124 -5.40 22.11 9.11
CA VAL A 124 -5.96 23.43 8.86
C VAL A 124 -7.30 23.36 8.13
N MET A 125 -8.16 24.35 8.34
CA MET A 125 -9.46 24.42 7.70
C MET A 125 -9.29 25.00 6.28
N MET A 126 -9.84 24.33 5.26
CA MET A 126 -9.71 24.81 3.88
C MET A 126 -11.03 24.71 3.10
N ASN A 127 -11.32 25.69 2.21
CA ASN A 127 -12.50 25.60 1.36
C ASN A 127 -12.12 24.63 0.27
N GLN A 128 -12.88 23.53 0.13
CA GLN A 128 -12.66 22.46 -0.83
C GLN A 128 -12.51 22.95 -2.28
N ASP A 129 -13.32 23.96 -2.66
CA ASP A 129 -13.32 24.50 -4.02
C ASP A 129 -12.24 25.60 -4.29
N THR A 130 -12.18 26.66 -3.47
CA THR A 130 -11.22 27.75 -3.70
C THR A 130 -9.82 27.47 -3.15
N ARG A 131 -9.64 26.42 -2.34
CA ARG A 131 -8.36 26.06 -1.70
C ARG A 131 -7.84 27.15 -0.76
N ARG A 132 -8.75 27.97 -0.21
CA ARG A 132 -8.41 29.08 0.67
C ARG A 132 -8.49 28.68 2.13
N LEU A 133 -7.35 28.72 2.83
CA LEU A 133 -7.29 28.37 4.25
C LEU A 133 -7.97 29.44 5.09
N GLN A 134 -8.64 29.02 6.16
CA GLN A 134 -9.33 29.95 7.04
C GLN A 134 -9.30 29.49 8.50
N LYS A 135 -9.57 30.42 9.42
CA LYS A 135 -9.62 30.12 10.85
C LYS A 135 -10.89 29.30 11.18
N VAL A 136 -10.89 28.61 12.32
CA VAL A 136 -12.03 27.79 12.72
C VAL A 136 -13.15 28.62 13.35
N SER A 137 -14.35 28.57 12.76
CA SER A 137 -15.50 29.29 13.30
C SER A 137 -16.02 28.62 14.58
N ASP A 138 -16.79 29.36 15.39
CA ASP A 138 -17.32 28.84 16.65
C ASP A 138 -18.35 27.73 16.47
N ASP A 139 -19.12 27.76 15.37
CA ASP A 139 -20.12 26.74 15.10
C ASP A 139 -19.49 25.36 14.86
N VAL A 140 -18.28 25.33 14.27
CA VAL A 140 -17.55 24.10 13.99
C VAL A 140 -16.85 23.58 15.26
N ARG A 141 -16.34 24.49 16.11
CA ARG A 141 -15.64 24.13 17.34
C ARG A 141 -16.52 23.42 18.36
N ASP A 142 -17.82 23.74 18.41
CA ASP A 142 -18.75 23.08 19.33
C ASP A 142 -19.12 21.67 18.86
N GLU A 143 -19.12 21.45 17.54
CA GLU A 143 -19.46 20.15 16.95
C GLU A 143 -18.44 19.05 17.22
N TYR A 144 -17.15 19.40 17.44
CA TYR A 144 -16.15 18.38 17.72
C TYR A 144 -15.58 18.45 19.15
N LEU A 145 -15.96 19.46 19.95
CA LEU A 145 -15.48 19.55 21.33
C LEU A 145 -16.07 18.45 22.24
N VAL A 146 -17.23 17.87 21.84
CA VAL A 146 -17.85 16.80 22.61
C VAL A 146 -17.16 15.43 22.39
N PHE A 147 -16.24 15.32 21.43
CA PHE A 147 -15.47 14.10 21.14
C PHE A 147 -13.97 14.25 21.50
N CYS A 148 -13.57 15.40 22.07
CA CYS A 148 -12.19 15.70 22.41
C CYS A 148 -12.04 15.81 23.91
N PRO A 149 -10.90 15.36 24.48
CA PRO A 149 -10.67 15.57 25.92
C PRO A 149 -10.60 17.07 26.21
N GLN A 150 -11.14 17.50 27.35
CA GLN A 150 -11.19 18.92 27.71
C GLN A 150 -9.82 19.39 28.16
N GLU A 151 -9.17 18.60 29.02
CA GLU A 151 -7.81 18.89 29.49
C GLU A 151 -6.83 18.52 28.37
N PRO A 152 -5.69 19.22 28.23
CA PRO A 152 -4.74 18.88 27.14
C PRO A 152 -4.07 17.51 27.28
N ARG A 153 -4.17 16.70 26.22
CA ARG A 153 -3.58 15.37 26.17
C ARG A 153 -2.61 15.32 24.99
N LEU A 154 -1.33 15.48 25.28
CA LEU A 154 -0.30 15.53 24.26
C LEU A 154 0.50 14.26 24.10
N ALA A 155 0.74 13.85 22.85
CA ALA A 155 1.64 12.71 22.59
C ALA A 155 3.10 13.17 22.79
N PHE A 156 3.41 14.45 22.50
CA PHE A 156 4.71 15.07 22.68
C PHE A 156 4.53 16.24 23.64
N PRO A 157 4.51 15.96 24.95
CA PRO A 157 4.25 17.05 25.91
C PRO A 157 5.44 17.97 26.18
N GLU A 158 6.68 17.44 26.27
CA GLU A 158 7.93 18.16 26.54
C GLU A 158 7.96 19.65 26.17
N GLU A 159 8.55 20.48 27.05
CA GLU A 159 8.69 21.93 26.86
C GLU A 159 9.52 22.31 25.62
N ASN A 160 10.40 21.40 25.17
CA ASN A 160 11.23 21.62 23.99
C ASN A 160 11.17 20.41 23.05
N ASN A 161 9.95 19.96 22.71
CA ASN A 161 9.76 18.81 21.83
C ASN A 161 10.10 19.15 20.37
N ARG A 162 10.61 18.18 19.61
CA ARG A 162 11.00 18.40 18.22
C ARG A 162 9.82 18.45 17.23
N SER A 163 8.56 18.45 17.73
CA SER A 163 7.36 18.49 16.90
C SER A 163 6.88 19.90 16.53
N LEU A 164 7.36 20.93 17.25
CA LEU A 164 6.98 22.32 17.00
C LEU A 164 8.21 23.17 16.62
N LYS A 165 9.11 22.59 15.82
CA LYS A 165 10.33 23.27 15.41
C LYS A 165 10.20 23.88 14.01
N LYS A 166 10.80 25.05 13.80
CA LYS A 166 10.75 25.73 12.50
C LYS A 166 11.65 24.98 11.50
N ILE A 167 11.18 24.81 10.25
CA ILE A 167 11.97 24.12 9.22
C ILE A 167 12.44 25.08 8.14
N PRO A 168 13.76 25.17 7.92
CA PRO A 168 14.26 26.07 6.87
C PRO A 168 14.09 25.50 5.45
N LYS A 169 14.28 26.35 4.43
CA LYS A 169 14.17 25.93 3.05
C LYS A 169 15.53 25.49 2.52
N LEU A 170 15.58 24.31 1.88
CA LEU A 170 16.79 23.73 1.33
C LEU A 170 17.39 24.59 0.23
N GLU A 171 18.65 24.99 0.38
CA GLU A 171 19.35 25.80 -0.62
C GLU A 171 19.87 24.92 -1.76
N ASP A 172 19.95 25.47 -2.97
CA ASP A 172 20.49 24.75 -4.12
C ASP A 172 22.00 25.06 -4.22
N PRO A 173 22.85 24.06 -4.53
CA PRO A 173 22.54 22.67 -4.88
C PRO A 173 22.27 21.72 -3.71
N ALA A 174 21.34 20.78 -3.89
CA ALA A 174 21.05 19.77 -2.87
C ALA A 174 22.17 18.70 -2.89
N GLN A 175 22.43 18.05 -1.76
CA GLN A 175 23.47 17.01 -1.71
C GLN A 175 23.03 15.79 -2.52
N TYR A 176 21.76 15.40 -2.36
CA TYR A 176 21.13 14.26 -3.00
C TYR A 176 19.77 14.66 -3.63
N SER A 177 19.33 13.94 -4.66
CA SER A 177 18.07 14.25 -5.33
C SER A 177 17.45 13.02 -6.00
N MET A 178 16.12 13.01 -6.13
CA MET A 178 15.36 11.98 -6.83
C MET A 178 14.36 12.74 -7.71
N ILE A 179 14.62 12.80 -9.02
CA ILE A 179 13.87 13.58 -10.02
C ILE A 179 12.86 12.74 -10.82
N GLY A 180 11.71 13.33 -11.15
CA GLY A 180 10.68 12.70 -11.97
C GLY A 180 9.68 11.81 -11.27
N LEU A 181 9.43 12.02 -9.97
CA LEU A 181 8.47 11.19 -9.22
C LEU A 181 7.01 11.57 -9.53
N LYS A 182 6.21 10.61 -10.02
CA LYS A 182 4.81 10.83 -10.37
C LYS A 182 3.91 9.87 -9.59
N PRO A 183 2.72 10.31 -9.13
CA PRO A 183 1.82 9.36 -8.46
C PRO A 183 1.08 8.42 -9.43
N ARG A 184 0.80 7.19 -8.99
CA ARG A 184 -0.01 6.26 -9.76
C ARG A 184 -1.42 6.17 -9.11
N ARG A 185 -2.37 5.38 -9.66
CA ARG A 185 -3.72 5.31 -9.06
C ARG A 185 -3.75 4.72 -7.66
N ALA A 186 -2.74 3.92 -7.31
CA ALA A 186 -2.60 3.37 -5.96
C ALA A 186 -2.23 4.49 -4.96
N ASP A 187 -1.57 5.57 -5.43
CA ASP A 187 -1.19 6.68 -4.58
C ASP A 187 -2.32 7.68 -4.33
N LEU A 188 -3.54 7.44 -4.86
CA LEU A 188 -4.66 8.36 -4.68
C LEU A 188 -5.70 7.82 -3.67
N ASP A 189 -6.38 8.74 -2.95
CA ASP A 189 -7.45 8.35 -2.04
C ASP A 189 -8.80 8.17 -2.79
N MET A 190 -9.92 7.93 -2.07
CA MET A 190 -11.24 7.77 -2.70
C MET A 190 -11.74 9.06 -3.38
N ASN A 191 -11.20 10.23 -3.00
CA ASN A 191 -11.62 11.51 -3.61
C ASN A 191 -10.71 11.97 -4.77
N GLN A 192 -9.71 11.13 -5.16
CA GLN A 192 -8.74 11.29 -6.25
C GLN A 192 -7.57 12.23 -5.91
N HIS A 193 -7.42 12.63 -4.65
CA HIS A 193 -6.29 13.45 -4.24
C HIS A 193 -5.15 12.52 -3.82
N VAL A 194 -3.91 12.97 -3.98
CA VAL A 194 -2.75 12.16 -3.61
C VAL A 194 -2.72 11.96 -2.10
N ASN A 195 -2.62 10.69 -1.65
CA ASN A 195 -2.56 10.28 -0.26
C ASN A 195 -1.36 10.98 0.42
N ASN A 196 -1.53 11.47 1.66
CA ASN A 196 -0.45 12.17 2.37
C ASN A 196 0.78 11.30 2.64
N VAL A 197 0.59 9.97 2.66
CA VAL A 197 1.65 9.00 2.90
C VAL A 197 2.63 8.95 1.73
N THR A 198 2.17 9.24 0.49
CA THR A 198 3.02 9.26 -0.72
C THR A 198 4.11 10.36 -0.67
N TYR A 199 3.81 11.50 -0.01
CA TYR A 199 4.81 12.58 0.12
C TYR A 199 5.95 12.12 1.02
N ILE A 200 5.64 11.36 2.07
CA ILE A 200 6.62 10.81 3.00
C ILE A 200 7.54 9.85 2.25
N GLY A 201 6.95 8.98 1.44
CA GLY A 201 7.70 8.04 0.63
C GLY A 201 8.53 8.72 -0.44
N TRP A 202 8.11 9.91 -0.89
CA TRP A 202 8.82 10.71 -1.87
C TRP A 202 9.98 11.44 -1.23
N VAL A 203 9.81 11.95 0.01
CA VAL A 203 10.87 12.60 0.79
C VAL A 203 12.04 11.64 0.98
N LEU A 204 11.76 10.39 1.38
CA LEU A 204 12.75 9.36 1.63
C LEU A 204 13.42 8.78 0.37
N GLU A 205 12.90 9.09 -0.83
CA GLU A 205 13.50 8.61 -2.08
C GLU A 205 14.85 9.28 -2.36
N SER A 206 15.03 10.53 -1.89
CA SER A 206 16.28 11.26 -2.11
C SER A 206 17.43 10.77 -1.20
N ILE A 207 17.08 10.18 -0.03
CA ILE A 207 18.03 9.58 0.93
C ILE A 207 18.79 8.46 0.22
N PRO A 208 20.12 8.42 0.33
CA PRO A 208 20.88 7.34 -0.32
C PRO A 208 20.65 5.97 0.30
N GLN A 209 20.73 4.92 -0.52
CA GLN A 209 20.54 3.55 -0.10
C GLN A 209 21.49 3.13 1.04
N GLU A 210 22.71 3.69 1.07
CA GLU A 210 23.68 3.38 2.12
C GLU A 210 23.20 3.81 3.49
N ILE A 211 22.55 4.99 3.60
CA ILE A 211 21.99 5.49 4.85
C ILE A 211 20.84 4.59 5.29
N VAL A 212 20.02 4.12 4.37
CA VAL A 212 18.88 3.25 4.67
C VAL A 212 19.35 1.87 5.17
N ASP A 213 20.41 1.32 4.54
CA ASP A 213 20.99 0.02 4.87
C ASP A 213 21.81 -0.01 6.17
N THR A 214 22.22 1.16 6.69
CA THR A 214 23.04 1.24 7.90
C THR A 214 22.34 1.97 9.06
N HIS A 215 21.29 2.76 8.77
CA HIS A 215 20.55 3.53 9.76
C HIS A 215 19.07 3.20 9.79
N GLU A 216 18.38 3.60 10.86
CA GLU A 216 16.95 3.45 11.01
C GLU A 216 16.32 4.80 11.25
N LEU A 217 15.20 5.08 10.57
CA LEU A 217 14.53 6.36 10.73
C LEU A 217 13.89 6.48 12.11
N GLN A 218 14.42 7.38 12.94
CA GLN A 218 13.92 7.64 14.27
C GLN A 218 12.81 8.70 14.27
N VAL A 219 13.07 9.89 13.70
CA VAL A 219 12.10 10.99 13.68
C VAL A 219 11.88 11.51 12.26
N ILE A 220 10.64 11.90 11.91
CA ILE A 220 10.27 12.50 10.64
C ILE A 220 9.23 13.60 10.85
N THR A 221 9.61 14.85 10.56
CA THR A 221 8.69 15.99 10.66
C THR A 221 8.43 16.46 9.22
N LEU A 222 7.17 16.69 8.87
CA LEU A 222 6.81 17.13 7.54
C LEU A 222 5.83 18.29 7.59
N ASP A 223 6.11 19.34 6.81
CA ASP A 223 5.29 20.53 6.66
C ASP A 223 4.72 20.49 5.25
N TYR A 224 3.40 20.50 5.12
CA TYR A 224 2.71 20.44 3.84
C TYR A 224 2.35 21.87 3.43
N ARG A 225 2.79 22.31 2.24
CA ARG A 225 2.55 23.68 1.77
C ARG A 225 1.57 23.73 0.59
N ARG A 226 1.57 22.68 -0.25
CA ARG A 226 0.74 22.64 -1.45
C ARG A 226 0.29 21.21 -1.79
N GLU A 227 -0.78 21.10 -2.59
CA GLU A 227 -1.36 19.84 -3.01
C GLU A 227 -0.71 19.38 -4.32
N CYS A 228 -0.37 18.09 -4.44
CA CYS A 228 0.19 17.55 -5.67
C CYS A 228 -0.95 16.93 -6.45
N GLN A 229 -1.16 17.38 -7.71
CA GLN A 229 -2.22 16.82 -8.54
C GLN A 229 -1.75 15.48 -9.12
N GLN A 230 -2.68 14.69 -9.64
CA GLN A 230 -2.38 13.39 -10.22
C GLN A 230 -1.44 13.53 -11.43
N ASP A 231 -1.62 14.58 -12.24
CA ASP A 231 -0.79 14.83 -13.42
C ASP A 231 0.49 15.65 -13.15
N ASP A 232 0.80 15.93 -11.87
CA ASP A 232 2.02 16.66 -11.49
C ASP A 232 3.25 15.75 -11.36
N VAL A 233 4.45 16.32 -11.56
CA VAL A 233 5.74 15.63 -11.46
C VAL A 233 6.53 16.28 -10.31
N VAL A 234 7.12 15.47 -9.44
CA VAL A 234 7.79 15.93 -8.22
C VAL A 234 9.30 15.64 -8.22
N ASP A 235 10.06 16.47 -7.49
CA ASP A 235 11.49 16.32 -7.26
C ASP A 235 11.82 16.31 -5.76
N SER A 236 12.40 15.21 -5.28
CA SER A 236 12.80 15.09 -3.88
C SER A 236 14.24 15.57 -3.70
N LEU A 237 14.49 16.50 -2.78
CA LEU A 237 15.84 17.03 -2.57
C LEU A 237 16.30 16.85 -1.12
N THR A 238 17.58 16.48 -0.90
CA THR A 238 18.10 16.18 0.43
C THR A 238 19.52 16.72 0.68
N THR A 239 19.78 17.24 1.89
CA THR A 239 21.10 17.72 2.28
C THR A 239 21.34 17.34 3.74
N THR A 240 22.48 16.70 4.07
CA THR A 240 22.80 16.34 5.47
C THR A 240 23.07 17.61 6.28
N THR A 241 22.38 17.81 7.41
CA THR A 241 22.63 18.98 8.24
C THR A 241 23.48 18.66 9.48
N SER A 242 23.67 17.36 9.81
CA SER A 242 24.51 16.98 10.95
C SER A 242 25.98 16.98 10.53
N ASN A 259 27.02 9.24 15.45
CA ASN A 259 26.00 8.27 15.89
C ASN A 259 24.63 8.56 15.24
N ASP A 260 24.23 9.84 15.20
CA ASP A 260 22.95 10.21 14.61
C ASP A 260 23.15 11.09 13.37
N SER A 261 22.41 10.82 12.29
CA SER A 261 22.48 11.61 11.05
C SER A 261 21.16 12.36 10.80
N GLN A 262 21.25 13.65 10.46
CA GLN A 262 20.06 14.46 10.20
C GLN A 262 20.04 14.97 8.78
N PHE A 263 18.85 15.16 8.22
CA PHE A 263 18.71 15.62 6.86
C PHE A 263 17.68 16.74 6.74
N LEU A 264 17.83 17.59 5.72
CA LEU A 264 16.87 18.64 5.39
C LEU A 264 16.29 18.24 4.06
N HIS A 265 14.97 18.16 3.97
CA HIS A 265 14.27 17.68 2.77
C HIS A 265 13.42 18.76 2.10
N LEU A 266 13.13 18.58 0.81
CA LEU A 266 12.30 19.51 0.06
C LEU A 266 11.68 18.85 -1.16
N LEU A 267 10.37 18.85 -1.23
CA LEU A 267 9.64 18.35 -2.40
C LEU A 267 9.17 19.56 -3.19
N ARG A 268 9.37 19.55 -4.51
CA ARG A 268 8.93 20.65 -5.37
C ARG A 268 8.50 20.13 -6.75
N LEU A 269 7.65 20.88 -7.46
CA LEU A 269 7.23 20.45 -8.80
C LEU A 269 8.42 20.53 -9.76
N SER A 270 8.54 19.56 -10.70
CA SER A 270 9.65 19.46 -11.65
C SER A 270 9.84 20.67 -12.53
N GLY A 271 8.74 21.28 -12.94
CA GLY A 271 8.78 22.42 -13.84
C GLY A 271 9.21 23.71 -13.19
N ASP A 272 8.23 24.44 -12.63
CA ASP A 272 8.43 25.73 -12.00
C ASP A 272 9.22 25.70 -10.69
N GLY A 273 9.20 24.56 -10.01
CA GLY A 273 9.85 24.44 -8.71
C GLY A 273 8.99 24.99 -7.60
N GLN A 274 7.66 24.87 -7.75
CA GLN A 274 6.71 25.31 -6.73
C GLN A 274 6.84 24.36 -5.54
N GLU A 275 7.06 24.92 -4.35
CA GLU A 275 7.23 24.10 -3.15
C GLU A 275 5.94 23.39 -2.76
N ILE A 276 6.01 22.07 -2.60
CA ILE A 276 4.86 21.30 -2.15
C ILE A 276 5.08 20.80 -0.71
N ASN A 277 6.36 20.50 -0.32
CA ASN A 277 6.68 20.00 1.02
C ASN A 277 8.09 20.35 1.48
N ARG A 278 8.27 20.41 2.81
CA ARG A 278 9.57 20.61 3.44
C ARG A 278 9.59 19.86 4.80
N GLY A 279 10.73 19.27 5.13
CA GLY A 279 10.84 18.52 6.38
C GLY A 279 12.25 18.17 6.82
N THR A 280 12.36 17.43 7.92
CA THR A 280 13.63 16.97 8.48
C THR A 280 13.50 15.52 8.95
N THR A 281 14.59 14.75 8.83
CA THR A 281 14.62 13.38 9.30
C THR A 281 15.82 13.15 10.23
N LEU A 282 15.66 12.26 11.20
CA LEU A 282 16.72 11.90 12.12
C LEU A 282 16.91 10.40 12.02
N TRP A 283 18.15 9.95 11.85
CA TRP A 283 18.45 8.53 11.69
C TRP A 283 19.52 8.10 12.69
N ARG A 284 19.38 6.91 13.27
CA ARG A 284 20.37 6.39 14.21
C ARG A 284 21.05 5.15 13.64
N LYS A 285 22.30 4.91 14.03
CA LYS A 285 23.05 3.75 13.55
C LYS A 285 22.40 2.46 14.06
N LYS A 286 22.04 1.54 13.14
CA LYS A 286 21.40 0.25 13.45
C LYS A 286 22.11 -0.52 14.57
N GLY B 2 -6.58 -15.98 10.54
CA GLY B 2 -6.05 -16.93 9.59
C GLY B 2 -5.76 -18.29 10.19
N SER B 3 -6.18 -19.35 9.49
CA SER B 3 -5.97 -20.72 9.94
C SER B 3 -6.21 -21.71 8.82
N LEU B 4 -5.54 -22.86 8.91
CA LEU B 4 -5.72 -23.94 7.96
C LEU B 4 -7.12 -24.54 8.17
N THR B 5 -7.71 -25.08 7.09
CA THR B 5 -9.01 -25.73 7.18
C THR B 5 -8.91 -27.04 8.04
N GLU B 6 -10.01 -27.81 8.16
CA GLU B 6 -9.98 -29.03 8.95
C GLU B 6 -9.01 -30.06 8.40
N ASP B 7 -9.01 -30.26 7.08
CA ASP B 7 -8.13 -31.24 6.46
C ASP B 7 -6.64 -30.83 6.44
N GLY B 8 -6.35 -29.55 6.65
CA GLY B 8 -4.98 -29.06 6.62
C GLY B 8 -4.42 -28.89 5.21
N LEU B 9 -5.28 -29.03 4.16
CA LEU B 9 -4.84 -28.90 2.78
C LEU B 9 -5.19 -27.56 2.10
N SER B 10 -5.72 -26.60 2.87
CA SER B 10 -6.05 -25.25 2.41
C SER B 10 -6.00 -24.27 3.60
N TYR B 11 -6.01 -22.96 3.33
CA TYR B 11 -5.90 -21.94 4.38
C TYR B 11 -6.95 -20.85 4.19
N LYS B 12 -7.62 -20.41 5.28
CA LYS B 12 -8.63 -19.35 5.20
C LYS B 12 -8.26 -18.14 6.06
N GLU B 13 -8.52 -16.93 5.58
CA GLU B 13 -8.24 -15.71 6.35
C GLU B 13 -9.29 -14.62 6.05
N LYS B 14 -9.59 -13.78 7.06
CA LYS B 14 -10.55 -12.70 6.92
C LYS B 14 -9.82 -11.36 6.98
N PHE B 15 -10.20 -10.44 6.09
CA PHE B 15 -9.60 -9.12 6.01
C PHE B 15 -10.70 -8.07 6.08
N VAL B 16 -10.49 -7.00 6.84
CA VAL B 16 -11.44 -5.89 6.90
C VAL B 16 -10.85 -4.83 5.97
N VAL B 17 -11.60 -4.37 4.94
CA VAL B 17 -11.10 -3.41 3.95
C VAL B 17 -10.85 -2.02 4.60
N ARG B 18 -9.69 -1.41 4.29
CA ARG B 18 -9.22 -0.15 4.87
C ARG B 18 -9.49 1.09 4.02
N SER B 19 -9.53 2.28 4.67
CA SER B 19 -9.78 3.57 4.01
C SER B 19 -8.82 3.83 2.86
N TYR B 20 -7.52 3.56 3.05
CA TYR B 20 -6.52 3.81 2.01
C TYR B 20 -6.45 2.75 0.91
N GLU B 21 -7.18 1.63 1.09
CA GLU B 21 -7.20 0.51 0.15
C GLU B 21 -8.27 0.65 -0.94
N VAL B 22 -9.20 1.62 -0.81
CA VAL B 22 -10.28 1.79 -1.78
C VAL B 22 -10.01 2.87 -2.81
N GLY B 23 -10.66 2.73 -3.98
CA GLY B 23 -10.56 3.69 -5.08
C GLY B 23 -11.67 4.73 -5.05
N SER B 24 -11.89 5.45 -6.17
CA SER B 24 -12.92 6.51 -6.20
C SER B 24 -14.36 5.98 -6.11
N ASN B 25 -14.57 4.67 -6.24
CA ASN B 25 -15.91 4.08 -6.11
C ASN B 25 -16.21 3.55 -4.69
N LYS B 26 -15.33 3.85 -3.69
CA LYS B 26 -15.42 3.40 -2.28
C LYS B 26 -15.31 1.88 -2.10
N THR B 27 -14.80 1.18 -3.12
CA THR B 27 -14.56 -0.26 -3.11
C THR B 27 -13.08 -0.54 -3.33
N ALA B 28 -12.61 -1.69 -2.84
CA ALA B 28 -11.21 -2.10 -2.94
C ALA B 28 -10.68 -2.04 -4.37
N THR B 29 -9.38 -1.79 -4.52
CA THR B 29 -8.75 -1.77 -5.82
C THR B 29 -8.20 -3.16 -6.15
N VAL B 30 -7.97 -3.46 -7.44
CA VAL B 30 -7.44 -4.77 -7.82
C VAL B 30 -6.05 -5.03 -7.21
N GLU B 31 -5.29 -3.96 -6.93
CA GLU B 31 -3.98 -4.09 -6.31
C GLU B 31 -4.08 -4.43 -4.85
N THR B 32 -5.13 -3.94 -4.17
CA THR B 32 -5.40 -4.26 -2.77
C THR B 32 -5.74 -5.75 -2.68
N ILE B 33 -6.60 -6.24 -3.61
CA ILE B 33 -6.97 -7.64 -3.71
C ILE B 33 -5.72 -8.49 -3.96
N ALA B 34 -4.89 -8.13 -4.96
CA ALA B 34 -3.65 -8.83 -5.31
C ALA B 34 -2.61 -8.84 -4.16
N ASN B 35 -2.68 -7.82 -3.30
CA ASN B 35 -1.82 -7.70 -2.11
C ASN B 35 -2.36 -8.68 -1.05
N LEU B 36 -3.69 -8.69 -0.84
CA LEU B 36 -4.37 -9.58 0.09
C LEU B 36 -4.18 -11.06 -0.27
N LEU B 37 -4.14 -11.38 -1.57
CA LEU B 37 -3.93 -12.75 -2.06
C LEU B 37 -2.50 -13.20 -1.72
N GLN B 38 -1.53 -12.28 -1.86
CA GLN B 38 -0.13 -12.53 -1.55
C GLN B 38 0.06 -12.77 -0.05
N GLU B 39 -0.65 -11.99 0.77
CA GLU B 39 -0.62 -12.08 2.23
C GLU B 39 -1.17 -13.42 2.72
N VAL B 40 -2.32 -13.87 2.22
CA VAL B 40 -2.89 -15.15 2.63
C VAL B 40 -2.01 -16.35 2.13
N GLY B 41 -1.26 -16.17 1.04
CA GLY B 41 -0.33 -17.17 0.54
C GLY B 41 0.90 -17.29 1.43
N CYS B 42 1.37 -16.15 1.96
CA CYS B 42 2.51 -16.07 2.87
C CYS B 42 2.15 -16.73 4.18
N ASN B 43 0.94 -16.44 4.69
CA ASN B 43 0.46 -17.00 5.93
C ASN B 43 0.18 -18.48 5.81
N HIS B 44 -0.25 -18.96 4.62
CA HIS B 44 -0.48 -20.38 4.39
C HIS B 44 0.88 -21.10 4.40
N ALA B 45 1.91 -20.52 3.78
CA ALA B 45 3.26 -21.09 3.76
C ALA B 45 3.88 -21.11 5.16
N GLN B 46 3.63 -20.06 5.96
CA GLN B 46 4.12 -19.94 7.33
C GLN B 46 3.46 -20.98 8.24
N SER B 47 2.16 -21.23 8.05
CA SER B 47 1.40 -22.19 8.85
C SER B 47 1.84 -23.64 8.63
N VAL B 48 2.54 -23.94 7.53
CA VAL B 48 2.99 -25.31 7.26
C VAL B 48 4.52 -25.50 7.33
N GLY B 49 5.22 -24.58 8.01
CA GLY B 49 6.65 -24.71 8.22
C GLY B 49 7.59 -24.19 7.15
N PHE B 50 7.24 -23.11 6.47
CA PHE B 50 8.14 -22.50 5.47
C PHE B 50 8.76 -21.21 6.01
N SER B 51 9.91 -20.80 5.46
CA SER B 51 10.58 -19.59 5.91
C SER B 51 10.26 -18.40 5.03
N ALA B 56 7.75 -19.90 -0.31
CA ALA B 56 7.40 -21.29 -0.03
C ALA B 56 8.59 -22.21 -0.30
N THR B 57 9.79 -21.76 0.05
CA THR B 57 11.03 -22.51 -0.14
C THR B 57 11.19 -23.74 0.75
N THR B 58 11.32 -24.93 0.15
CA THR B 58 11.55 -26.19 0.88
C THR B 58 13.02 -26.30 1.40
N THR B 59 13.32 -27.33 2.21
CA THR B 59 14.66 -27.53 2.77
C THR B 59 15.69 -27.80 1.69
N THR B 60 15.37 -28.66 0.70
CA THR B 60 16.31 -28.94 -0.38
C THR B 60 16.41 -27.76 -1.38
N MET B 61 15.45 -26.81 -1.37
CA MET B 61 15.45 -25.61 -2.20
C MET B 61 16.40 -24.54 -1.61
N ARG B 62 16.54 -24.50 -0.27
CA ARG B 62 17.41 -23.55 0.41
C ARG B 62 18.87 -23.90 0.11
N LYS B 63 19.21 -25.20 0.20
CA LYS B 63 20.55 -25.72 -0.06
C LYS B 63 20.94 -25.60 -1.54
N LEU B 64 19.96 -25.68 -2.44
CA LEU B 64 20.23 -25.57 -3.87
C LEU B 64 20.20 -24.14 -4.42
N HIS B 65 19.79 -23.15 -3.59
CA HIS B 65 19.67 -21.73 -3.93
C HIS B 65 18.55 -21.53 -4.96
N LEU B 66 17.43 -22.23 -4.75
CA LEU B 66 16.26 -22.24 -5.63
C LEU B 66 15.05 -21.55 -5.02
N ILE B 67 14.40 -20.69 -5.81
CA ILE B 67 13.22 -19.92 -5.40
C ILE B 67 12.04 -20.12 -6.36
N TRP B 68 10.83 -19.75 -5.95
CA TRP B 68 9.64 -19.83 -6.78
C TRP B 68 9.34 -18.44 -7.29
N VAL B 69 9.24 -18.27 -8.60
CA VAL B 69 8.91 -16.96 -9.17
C VAL B 69 7.58 -17.04 -9.91
N THR B 70 6.81 -15.93 -9.94
CA THR B 70 5.52 -15.94 -10.62
C THR B 70 5.67 -15.91 -12.14
N ALA B 71 5.18 -16.93 -12.82
CA ALA B 71 5.19 -16.98 -14.28
C ALA B 71 3.89 -16.36 -14.83
N ARG B 72 2.76 -16.59 -14.15
CA ARG B 72 1.46 -16.09 -14.58
C ARG B 72 0.52 -15.81 -13.40
N MET B 73 -0.36 -14.82 -13.54
CA MET B 73 -1.36 -14.43 -12.55
C MET B 73 -2.69 -14.14 -13.27
N HIS B 74 -3.78 -14.76 -12.82
CA HIS B 74 -5.09 -14.56 -13.43
C HIS B 74 -6.10 -14.24 -12.35
N ILE B 75 -6.75 -13.07 -12.42
CA ILE B 75 -7.72 -12.67 -11.41
C ILE B 75 -9.07 -12.29 -12.04
N GLU B 76 -10.18 -12.78 -11.47
N GLU B 76 -10.18 -12.78 -11.47
N GLU B 76 -10.18 -12.78 -11.47
CA GLU B 76 -11.52 -12.43 -11.95
CA GLU B 76 -11.53 -12.45 -11.92
CA GLU B 76 -11.52 -12.43 -11.95
C GLU B 76 -12.37 -11.97 -10.77
C GLU B 76 -12.37 -11.97 -10.74
C GLU B 76 -12.37 -11.97 -10.77
N ILE B 77 -12.81 -10.71 -10.78
CA ILE B 77 -13.63 -10.14 -9.71
C ILE B 77 -15.08 -9.91 -10.14
N TYR B 78 -16.05 -10.31 -9.30
CA TYR B 78 -17.47 -10.11 -9.57
C TYR B 78 -18.00 -8.89 -8.83
N LYS B 79 -17.55 -8.72 -7.59
CA LYS B 79 -17.90 -7.59 -6.72
C LYS B 79 -16.64 -7.20 -5.93
N TYR B 80 -16.29 -5.90 -5.91
CA TYR B 80 -15.12 -5.44 -5.16
C TYR B 80 -15.59 -5.10 -3.74
N PRO B 81 -14.97 -5.66 -2.69
CA PRO B 81 -15.44 -5.36 -1.32
C PRO B 81 -15.37 -3.88 -0.96
N ALA B 82 -16.45 -3.32 -0.42
CA ALA B 82 -16.51 -1.92 -0.03
C ALA B 82 -15.70 -1.63 1.26
N TRP B 83 -15.36 -0.36 1.51
CA TRP B 83 -14.62 0.08 2.68
C TRP B 83 -15.36 -0.29 3.98
N GLY B 84 -14.73 -1.12 4.79
CA GLY B 84 -15.32 -1.60 6.03
C GLY B 84 -15.84 -3.02 5.97
N ASP B 85 -15.97 -3.57 4.75
CA ASP B 85 -16.47 -4.92 4.54
C ASP B 85 -15.43 -5.98 4.93
N VAL B 86 -15.90 -7.19 5.24
CA VAL B 86 -15.00 -8.29 5.57
C VAL B 86 -14.96 -9.25 4.39
N VAL B 87 -13.77 -9.52 3.87
CA VAL B 87 -13.57 -10.40 2.73
C VAL B 87 -12.83 -11.66 3.18
N GLU B 88 -13.44 -12.84 3.02
CA GLU B 88 -12.78 -14.08 3.38
C GLU B 88 -12.09 -14.67 2.15
N ILE B 89 -10.79 -14.90 2.26
CA ILE B 89 -10.03 -15.48 1.16
C ILE B 89 -9.54 -16.88 1.54
N GLU B 90 -9.79 -17.86 0.68
CA GLU B 90 -9.32 -19.22 0.88
C GLU B 90 -8.27 -19.56 -0.18
N THR B 91 -7.10 -20.04 0.24
CA THR B 91 -6.01 -20.37 -0.69
C THR B 91 -5.51 -21.81 -0.50
N TRP B 92 -4.94 -22.38 -1.55
CA TRP B 92 -4.39 -23.73 -1.56
C TRP B 92 -3.38 -23.88 -2.70
N CYS B 93 -2.45 -24.80 -2.54
CA CYS B 93 -1.42 -25.06 -3.53
C CYS B 93 -1.62 -26.41 -4.20
N GLN B 94 -1.00 -26.58 -5.37
CA GLN B 94 -1.08 -27.84 -6.09
C GLN B 94 0.11 -28.01 -7.01
N SER B 95 0.59 -29.24 -7.15
CA SER B 95 1.72 -29.53 -8.03
C SER B 95 1.21 -29.70 -9.47
N GLU B 96 2.01 -29.26 -10.42
CA GLU B 96 1.68 -29.42 -11.83
C GLU B 96 2.83 -30.19 -12.48
N GLY B 97 3.14 -31.35 -11.90
CA GLY B 97 4.21 -32.21 -12.36
C GLY B 97 5.56 -31.53 -12.28
N ARG B 98 6.44 -31.85 -13.22
CA ARG B 98 7.75 -31.23 -13.25
C ARG B 98 7.76 -29.84 -13.93
N ILE B 99 6.60 -29.26 -14.21
CA ILE B 99 6.52 -27.94 -14.83
C ILE B 99 6.65 -26.84 -13.75
N GLY B 100 5.98 -27.03 -12.63
CA GLY B 100 6.01 -26.10 -11.52
C GLY B 100 4.90 -26.31 -10.52
N THR B 101 4.45 -25.23 -9.89
CA THR B 101 3.38 -25.27 -8.91
C THR B 101 2.28 -24.25 -9.27
N ARG B 102 1.12 -24.41 -8.66
CA ARG B 102 -0.03 -23.54 -8.87
C ARG B 102 -0.61 -23.14 -7.51
N ARG B 103 -1.04 -21.89 -7.38
CA ARG B 103 -1.71 -21.44 -6.18
C ARG B 103 -3.02 -20.82 -6.63
N ASP B 104 -4.14 -21.28 -6.02
CA ASP B 104 -5.49 -20.79 -6.30
C ASP B 104 -6.12 -20.10 -5.09
N TRP B 105 -7.07 -19.21 -5.35
CA TRP B 105 -7.76 -18.44 -4.34
C TRP B 105 -9.23 -18.33 -4.69
N ILE B 106 -10.07 -18.31 -3.65
CA ILE B 106 -11.50 -18.06 -3.75
C ILE B 106 -11.76 -16.90 -2.80
N LEU B 107 -12.37 -15.83 -3.30
N LEU B 107 -12.37 -15.83 -3.30
N LEU B 107 -12.37 -15.83 -3.30
CA LEU B 107 -12.71 -14.67 -2.50
CA LEU B 107 -12.72 -14.66 -2.50
CA LEU B 107 -12.71 -14.67 -2.50
C LEU B 107 -14.21 -14.70 -2.24
C LEU B 107 -14.21 -14.70 -2.24
C LEU B 107 -14.21 -14.70 -2.24
N LYS B 108 -14.62 -14.54 -0.98
CA LYS B 108 -16.04 -14.56 -0.61
C LYS B 108 -16.40 -13.39 0.31
N ASP B 109 -17.68 -13.01 0.35
CA ASP B 109 -18.16 -12.00 1.29
C ASP B 109 -18.36 -12.76 2.62
N SER B 110 -17.92 -12.19 3.75
CA SER B 110 -18.06 -12.89 5.02
C SER B 110 -19.54 -12.97 5.46
N VAL B 111 -20.27 -11.86 5.27
CA VAL B 111 -21.66 -11.78 5.68
C VAL B 111 -22.57 -12.74 4.90
N THR B 112 -22.54 -12.67 3.57
CA THR B 112 -23.39 -13.51 2.73
C THR B 112 -22.81 -14.89 2.40
N GLY B 113 -21.49 -15.00 2.35
CA GLY B 113 -20.82 -16.25 1.98
C GLY B 113 -20.81 -16.51 0.48
N GLU B 114 -21.15 -15.47 -0.31
CA GLU B 114 -21.23 -15.48 -1.76
C GLU B 114 -19.83 -15.25 -2.36
N VAL B 115 -19.47 -15.97 -3.43
CA VAL B 115 -18.18 -15.82 -4.09
C VAL B 115 -18.10 -14.49 -4.84
N THR B 116 -17.26 -13.58 -4.37
CA THR B 116 -17.10 -12.27 -5.00
C THR B 116 -15.87 -12.16 -5.93
N GLY B 117 -15.10 -13.23 -6.04
CA GLY B 117 -13.93 -13.26 -6.90
C GLY B 117 -13.15 -14.55 -6.82
N ARG B 118 -12.21 -14.75 -7.74
N ARG B 118 -12.21 -14.75 -7.74
N ARG B 118 -12.21 -14.75 -7.74
CA ARG B 118 -11.37 -15.94 -7.75
CA ARG B 118 -11.37 -15.94 -7.75
CA ARG B 118 -11.37 -15.95 -7.76
C ARG B 118 -10.08 -15.70 -8.53
C ARG B 118 -10.08 -15.70 -8.53
C ARG B 118 -10.08 -15.70 -8.53
N ALA B 119 -8.98 -16.33 -8.11
CA ALA B 119 -7.70 -16.14 -8.76
C ALA B 119 -6.87 -17.43 -8.89
N THR B 120 -5.99 -17.47 -9.87
CA THR B 120 -5.09 -18.60 -10.11
C THR B 120 -3.72 -18.07 -10.56
N SER B 121 -2.63 -18.74 -10.14
CA SER B 121 -1.30 -18.30 -10.50
C SER B 121 -0.35 -19.47 -10.73
N LYS B 122 0.50 -19.39 -11.77
CA LYS B 122 1.49 -20.41 -12.09
C LYS B 122 2.89 -19.93 -11.64
N TRP B 123 3.66 -20.79 -10.98
CA TRP B 123 4.97 -20.43 -10.46
C TRP B 123 6.07 -21.35 -11.04
N VAL B 124 7.19 -20.77 -11.44
CA VAL B 124 8.30 -21.55 -12.01
C VAL B 124 9.49 -21.61 -11.05
N MET B 125 10.25 -22.71 -11.07
CA MET B 125 11.43 -22.84 -10.22
C MET B 125 12.59 -22.06 -10.88
N MET B 126 13.36 -21.30 -10.09
CA MET B 126 14.47 -20.51 -10.63
C MET B 126 15.68 -20.51 -9.70
N ASN B 127 16.91 -20.39 -10.25
CA ASN B 127 18.10 -20.29 -9.42
C ASN B 127 18.22 -18.84 -9.03
N GLN B 128 18.17 -18.55 -7.73
CA GLN B 128 18.25 -17.21 -7.14
C GLN B 128 19.47 -16.41 -7.61
N ASP B 129 20.63 -17.05 -7.70
CA ASP B 129 21.89 -16.43 -8.10
C ASP B 129 21.88 -16.06 -9.61
N THR B 130 21.66 -17.05 -10.47
CA THR B 130 21.52 -16.80 -11.91
C THR B 130 19.99 -16.60 -12.18
N ARG B 131 19.53 -16.62 -13.44
CA ARG B 131 18.09 -16.50 -13.72
C ARG B 131 17.61 -17.69 -14.55
N ARG B 132 18.21 -18.88 -14.32
CA ARG B 132 17.90 -20.08 -15.08
C ARG B 132 16.75 -20.84 -14.49
N LEU B 133 15.69 -21.00 -15.26
CA LEU B 133 14.50 -21.71 -14.84
C LEU B 133 14.70 -23.21 -14.84
N GLN B 134 14.47 -23.83 -13.69
CA GLN B 134 14.61 -25.27 -13.54
C GLN B 134 13.28 -25.99 -13.82
N LYS B 135 13.32 -27.33 -13.93
CA LYS B 135 12.13 -28.11 -14.23
C LYS B 135 11.61 -28.91 -13.02
N VAL B 136 11.90 -28.47 -11.78
CA VAL B 136 11.43 -29.10 -10.54
C VAL B 136 11.85 -30.58 -10.40
N SER B 137 12.68 -30.89 -9.41
CA SER B 137 13.14 -32.26 -9.16
C SER B 137 12.15 -33.04 -8.27
N ASP B 138 12.32 -34.38 -8.19
CA ASP B 138 11.48 -35.26 -7.38
C ASP B 138 11.65 -35.03 -5.87
N ASP B 139 12.83 -34.59 -5.43
CA ASP B 139 13.07 -34.33 -4.01
C ASP B 139 12.21 -33.14 -3.52
N VAL B 140 11.92 -32.18 -4.39
CA VAL B 140 11.10 -31.00 -4.06
C VAL B 140 9.61 -31.37 -4.05
N ARG B 141 9.19 -32.22 -5.01
CA ARG B 141 7.81 -32.67 -5.16
C ARG B 141 7.27 -33.38 -3.93
N ASP B 142 8.11 -34.19 -3.27
CA ASP B 142 7.68 -34.92 -2.08
C ASP B 142 7.55 -33.99 -0.87
N GLU B 143 8.36 -32.93 -0.82
CA GLU B 143 8.33 -31.98 0.28
C GLU B 143 7.06 -31.13 0.34
N TYR B 144 6.40 -30.88 -0.82
CA TYR B 144 5.16 -30.08 -0.79
C TYR B 144 3.90 -30.87 -1.15
N LEU B 145 4.02 -32.14 -1.54
CA LEU B 145 2.84 -32.95 -1.85
C LEU B 145 2.03 -33.35 -0.60
N VAL B 146 2.61 -33.24 0.59
CA VAL B 146 1.91 -33.51 1.83
C VAL B 146 1.05 -32.31 2.31
N PHE B 147 1.19 -31.14 1.67
CA PHE B 147 0.41 -29.93 1.99
C PHE B 147 -0.58 -29.56 0.85
N CYS B 148 -0.65 -30.37 -0.22
CA CYS B 148 -1.48 -30.12 -1.38
C CYS B 148 -2.57 -31.18 -1.48
N PRO B 149 -3.80 -30.81 -1.92
CA PRO B 149 -4.82 -31.84 -2.16
C PRO B 149 -4.36 -32.80 -3.26
N GLN B 150 -4.65 -34.08 -3.11
CA GLN B 150 -4.19 -35.08 -4.07
C GLN B 150 -5.03 -35.02 -5.35
N GLU B 151 -6.36 -34.93 -5.19
CA GLU B 151 -7.27 -34.77 -6.31
C GLU B 151 -7.21 -33.31 -6.79
N PRO B 152 -7.38 -33.05 -8.11
CA PRO B 152 -7.30 -31.65 -8.58
C PRO B 152 -8.39 -30.71 -8.07
N ARG B 153 -7.98 -29.58 -7.48
CA ARG B 153 -8.89 -28.58 -6.96
C ARG B 153 -8.61 -27.26 -7.67
N LEU B 154 -9.44 -26.94 -8.66
CA LEU B 154 -9.24 -25.76 -9.48
C LEU B 154 -10.16 -24.61 -9.15
N ALA B 155 -9.61 -23.38 -9.10
CA ALA B 155 -10.45 -22.19 -8.93
C ALA B 155 -11.16 -21.87 -10.28
N PHE B 156 -10.50 -22.20 -11.41
CA PHE B 156 -11.04 -22.03 -12.76
C PHE B 156 -11.04 -23.41 -13.41
N PRO B 157 -12.07 -24.22 -13.14
CA PRO B 157 -12.08 -25.58 -13.68
C PRO B 157 -12.44 -25.69 -15.18
N GLU B 158 -13.40 -24.89 -15.66
CA GLU B 158 -13.91 -24.87 -17.06
C GLU B 158 -12.90 -25.35 -18.14
N GLU B 159 -13.31 -26.27 -19.03
CA GLU B 159 -12.40 -26.77 -20.07
C GLU B 159 -12.16 -25.71 -21.14
N ASN B 160 -10.88 -25.30 -21.31
CA ASN B 160 -10.42 -24.26 -22.24
C ASN B 160 -10.96 -22.88 -21.84
N ASN B 161 -10.62 -22.42 -20.62
CA ASN B 161 -11.07 -21.14 -20.06
C ASN B 161 -10.03 -19.99 -20.24
N ARG B 162 -10.32 -18.80 -19.68
CA ARG B 162 -9.50 -17.58 -19.79
C ARG B 162 -8.09 -17.65 -19.16
N SER B 163 -7.93 -18.39 -18.05
CA SER B 163 -6.66 -18.47 -17.31
C SER B 163 -5.52 -19.18 -18.03
N LEU B 164 -5.81 -19.96 -19.08
CA LEU B 164 -4.79 -20.70 -19.83
C LEU B 164 -4.78 -20.28 -21.31
N LYS B 165 -4.98 -18.98 -21.56
CA LYS B 165 -5.04 -18.45 -22.92
C LYS B 165 -3.72 -17.84 -23.35
N LYS B 166 -3.36 -18.00 -24.63
CA LYS B 166 -2.11 -17.45 -25.16
C LYS B 166 -2.24 -15.92 -25.31
N ILE B 167 -1.20 -15.17 -24.94
CA ILE B 167 -1.23 -13.70 -25.03
C ILE B 167 -0.27 -13.21 -26.11
N PRO B 168 -0.79 -12.48 -27.11
CA PRO B 168 0.11 -11.96 -28.16
C PRO B 168 0.92 -10.73 -27.71
N LYS B 169 1.94 -10.36 -28.51
CA LYS B 169 2.77 -9.21 -28.20
C LYS B 169 2.20 -7.96 -28.86
N LEU B 170 2.06 -6.87 -28.09
CA LEU B 170 1.52 -5.60 -28.55
C LEU B 170 2.38 -4.99 -29.65
N GLU B 171 1.77 -4.71 -30.82
CA GLU B 171 2.48 -4.09 -31.94
C GLU B 171 2.57 -2.57 -31.74
N ASP B 172 3.65 -1.96 -32.25
CA ASP B 172 3.82 -0.52 -32.18
C ASP B 172 3.21 0.10 -33.46
N PRO B 173 2.52 1.26 -33.38
CA PRO B 173 2.28 2.08 -32.18
C PRO B 173 1.14 1.61 -31.25
N ALA B 174 1.33 1.79 -29.95
CA ALA B 174 0.29 1.47 -28.96
C ALA B 174 -0.78 2.56 -28.98
N GLN B 175 -2.04 2.22 -28.64
CA GLN B 175 -3.11 3.21 -28.63
C GLN B 175 -2.89 4.22 -27.50
N TYR B 176 -2.51 3.71 -26.32
CA TYR B 176 -2.25 4.46 -25.10
C TYR B 176 -0.89 4.05 -24.48
N SER B 177 -0.26 4.95 -23.73
CA SER B 177 1.02 4.68 -23.09
C SER B 177 1.23 5.49 -21.82
N MET B 178 2.04 4.96 -20.89
CA MET B 178 2.44 5.63 -19.66
C MET B 178 3.95 5.39 -19.56
N ILE B 179 4.77 6.39 -19.87
CA ILE B 179 6.23 6.25 -19.91
C ILE B 179 6.92 6.86 -18.67
N GLY B 180 8.07 6.29 -18.31
CA GLY B 180 8.88 6.72 -17.18
C GLY B 180 8.52 6.21 -15.79
N LEU B 181 7.83 5.07 -15.71
CA LEU B 181 7.43 4.50 -14.41
C LEU B 181 8.61 3.83 -13.68
N LYS B 182 8.93 4.31 -12.47
CA LYS B 182 10.03 3.78 -11.65
C LYS B 182 9.52 3.30 -10.29
N PRO B 183 10.03 2.18 -9.75
CA PRO B 183 9.60 1.76 -8.41
C PRO B 183 10.23 2.59 -7.28
N ARG B 184 9.49 2.80 -6.19
CA ARG B 184 10.04 3.45 -5.00
C ARG B 184 10.28 2.36 -3.91
N ARG B 185 10.82 2.72 -2.71
CA ARG B 185 11.09 1.69 -1.68
C ARG B 185 9.84 0.99 -1.17
N ALA B 186 8.68 1.64 -1.28
CA ALA B 186 7.40 1.03 -0.92
C ALA B 186 7.03 -0.09 -1.92
N ASP B 187 7.51 0.01 -3.18
CA ASP B 187 7.23 -1.02 -4.19
C ASP B 187 8.14 -2.25 -4.08
N LEU B 188 9.05 -2.32 -3.09
CA LEU B 188 9.96 -3.46 -2.95
C LEU B 188 9.55 -4.38 -1.79
N ASP B 189 9.85 -5.68 -1.92
CA ASP B 189 9.59 -6.63 -0.84
C ASP B 189 10.77 -6.64 0.19
N MET B 190 10.75 -7.56 1.19
CA MET B 190 11.82 -7.65 2.19
C MET B 190 13.18 -8.06 1.59
N ASN B 191 13.18 -8.70 0.40
CA ASN B 191 14.42 -9.11 -0.25
C ASN B 191 14.97 -8.10 -1.29
N GLN B 192 14.31 -6.93 -1.41
CA GLN B 192 14.63 -5.78 -2.28
C GLN B 192 14.21 -5.96 -3.74
N HIS B 193 13.44 -7.00 -4.06
CA HIS B 193 12.93 -7.19 -5.40
C HIS B 193 11.58 -6.47 -5.52
N VAL B 194 11.24 -6.00 -6.72
CA VAL B 194 9.98 -5.29 -6.93
C VAL B 194 8.81 -6.25 -6.74
N ASN B 195 7.86 -5.86 -5.87
CA ASN B 195 6.64 -6.61 -5.54
C ASN B 195 5.87 -6.90 -6.84
N ASN B 196 5.34 -8.12 -7.00
CA ASN B 196 4.63 -8.47 -8.24
C ASN B 196 3.32 -7.69 -8.44
N VAL B 197 2.78 -7.06 -7.38
CA VAL B 197 1.58 -6.23 -7.40
C VAL B 197 1.85 -4.90 -8.13
N THR B 198 3.10 -4.38 -8.08
CA THR B 198 3.50 -3.13 -8.74
C THR B 198 3.38 -3.22 -10.28
N TYR B 199 3.64 -4.42 -10.85
CA TYR B 199 3.51 -4.61 -12.31
C TYR B 199 2.05 -4.46 -12.74
N ILE B 200 1.13 -4.96 -11.92
CA ILE B 200 -0.31 -4.88 -12.16
C ILE B 200 -0.73 -3.42 -12.17
N GLY B 201 -0.25 -2.67 -11.18
CA GLY B 201 -0.54 -1.24 -11.08
C GLY B 201 0.07 -0.45 -12.21
N TRP B 202 1.19 -0.94 -12.77
CA TRP B 202 1.88 -0.33 -13.90
C TRP B 202 1.15 -0.61 -15.20
N VAL B 203 0.62 -1.84 -15.36
CA VAL B 203 -0.18 -2.24 -16.53
C VAL B 203 -1.40 -1.31 -16.66
N LEU B 204 -2.12 -1.09 -15.55
CA LEU B 204 -3.31 -0.26 -15.50
C LEU B 204 -3.06 1.25 -15.63
N GLU B 205 -1.79 1.70 -15.55
CA GLU B 205 -1.47 3.12 -15.70
C GLU B 205 -1.68 3.62 -17.14
N SER B 206 -1.52 2.72 -18.12
CA SER B 206 -1.69 3.09 -19.53
C SER B 206 -3.17 3.22 -19.93
N ILE B 207 -4.09 2.54 -19.21
CA ILE B 207 -5.55 2.62 -19.38
C ILE B 207 -5.98 4.07 -19.14
N PRO B 208 -6.80 4.64 -20.05
CA PRO B 208 -7.24 6.03 -19.84
C PRO B 208 -8.21 6.18 -18.67
N GLN B 209 -8.15 7.34 -18.00
CA GLN B 209 -9.00 7.66 -16.86
C GLN B 209 -10.51 7.53 -17.18
N GLU B 210 -10.92 7.79 -18.43
CA GLU B 210 -12.32 7.67 -18.84
C GLU B 210 -12.83 6.23 -18.73
N ILE B 211 -12.00 5.25 -19.11
CA ILE B 211 -12.35 3.84 -19.01
C ILE B 211 -12.46 3.44 -17.53
N VAL B 212 -11.59 3.94 -16.67
CA VAL B 212 -11.60 3.64 -15.24
C VAL B 212 -12.85 4.23 -14.56
N ASP B 213 -13.23 5.46 -14.95
CA ASP B 213 -14.39 6.18 -14.41
C ASP B 213 -15.76 5.66 -14.88
N THR B 214 -15.79 4.86 -15.97
CA THR B 214 -17.04 4.34 -16.53
C THR B 214 -17.14 2.80 -16.49
N HIS B 215 -16.00 2.11 -16.37
CA HIS B 215 -15.96 0.65 -16.32
C HIS B 215 -15.32 0.13 -15.03
N GLU B 216 -15.52 -1.16 -14.76
CA GLU B 216 -14.92 -1.86 -13.63
C GLU B 216 -14.11 -3.02 -14.17
N LEU B 217 -12.90 -3.24 -13.65
CA LEU B 217 -12.07 -4.33 -14.09
C LEU B 217 -12.63 -5.68 -13.65
N GLN B 218 -13.10 -6.48 -14.61
CA GLN B 218 -13.59 -7.81 -14.29
C GLN B 218 -12.46 -8.86 -14.33
N VAL B 219 -11.70 -8.99 -15.43
CA VAL B 219 -10.64 -10.00 -15.54
C VAL B 219 -9.30 -9.35 -15.84
N ILE B 220 -8.20 -9.90 -15.25
CA ILE B 220 -6.84 -9.47 -15.49
C ILE B 220 -5.89 -10.69 -15.53
N THR B 221 -5.31 -10.96 -16.70
CA THR B 221 -4.35 -12.04 -16.87
C THR B 221 -2.98 -11.39 -17.11
N LEU B 222 -1.95 -11.87 -16.41
CA LEU B 222 -0.61 -11.32 -16.55
C LEU B 222 0.43 -12.42 -16.68
N ASP B 223 1.32 -12.27 -17.66
CA ASP B 223 2.43 -13.17 -17.95
C ASP B 223 3.70 -12.41 -17.60
N TYR B 224 4.51 -12.95 -16.69
CA TYR B 224 5.74 -12.33 -16.24
C TYR B 224 6.90 -12.95 -17.02
N ARG B 225 7.71 -12.13 -17.70
CA ARG B 225 8.82 -12.62 -18.53
C ARG B 225 10.18 -12.28 -17.94
N ARG B 226 10.27 -11.14 -17.23
CA ARG B 226 11.53 -10.64 -16.70
C ARG B 226 11.29 -9.85 -15.41
N GLU B 227 12.32 -9.78 -14.56
CA GLU B 227 12.23 -9.01 -13.34
C GLU B 227 12.68 -7.58 -13.55
N CYS B 228 12.05 -6.66 -12.86
CA CYS B 228 12.37 -5.25 -12.95
C CYS B 228 13.25 -4.90 -11.74
N GLN B 229 14.46 -4.35 -11.99
CA GLN B 229 15.34 -3.98 -10.89
C GLN B 229 14.87 -2.63 -10.30
N GLN B 230 15.36 -2.29 -9.11
CA GLN B 230 15.00 -1.06 -8.43
C GLN B 230 15.39 0.17 -9.26
N ASP B 231 16.56 0.11 -9.93
CA ASP B 231 17.05 1.22 -10.75
C ASP B 231 16.57 1.19 -12.23
N ASP B 232 15.63 0.29 -12.56
CA ASP B 232 15.06 0.21 -13.92
C ASP B 232 13.88 1.18 -14.12
N VAL B 233 13.64 1.60 -15.37
CA VAL B 233 12.56 2.50 -15.78
C VAL B 233 11.64 1.72 -16.73
N VAL B 234 10.33 1.80 -16.53
CA VAL B 234 9.34 1.00 -17.25
C VAL B 234 8.40 1.86 -18.10
N ASP B 235 7.86 1.28 -19.18
CA ASP B 235 6.87 1.87 -20.08
C ASP B 235 5.64 0.96 -20.21
N SER B 236 4.47 1.46 -19.81
CA SER B 236 3.22 0.71 -19.92
C SER B 236 2.55 1.01 -21.26
N LEU B 237 2.21 -0.02 -22.05
CA LEU B 237 1.59 0.20 -23.36
C LEU B 237 0.25 -0.53 -23.47
N THR B 238 -0.77 0.13 -24.08
CA THR B 238 -2.12 -0.42 -24.17
C THR B 238 -2.81 -0.20 -25.52
N THR B 239 -3.55 -1.20 -26.01
CA THR B 239 -4.31 -1.12 -27.25
C THR B 239 -5.64 -1.85 -27.06
N THR B 240 -6.78 -1.21 -27.38
CA THR B 240 -8.10 -1.86 -27.28
C THR B 240 -8.20 -2.98 -28.33
N THR B 241 -8.53 -4.21 -27.92
CA THR B 241 -8.69 -5.30 -28.89
C THR B 241 -10.17 -5.62 -29.19
N SER B 242 -11.11 -5.09 -28.38
CA SER B 242 -12.54 -5.31 -28.63
C SER B 242 -13.04 -4.30 -29.69
N ASP B 260 -18.77 -4.75 -23.11
CA ASP B 260 -17.48 -5.11 -22.51
C ASP B 260 -16.31 -4.59 -23.36
N SER B 261 -15.27 -4.04 -22.71
CA SER B 261 -14.08 -3.53 -23.39
C SER B 261 -12.84 -4.37 -23.02
N GLN B 262 -12.04 -4.75 -24.00
CA GLN B 262 -10.84 -5.56 -23.77
C GLN B 262 -9.58 -4.80 -24.19
N PHE B 263 -8.47 -5.08 -23.52
CA PHE B 263 -7.21 -4.42 -23.83
C PHE B 263 -6.06 -5.40 -23.91
N LEU B 264 -5.02 -5.05 -24.68
CA LEU B 264 -3.78 -5.82 -24.78
C LEU B 264 -2.72 -4.93 -24.16
N HIS B 265 -1.99 -5.45 -23.18
CA HIS B 265 -1.00 -4.67 -22.42
C HIS B 265 0.43 -5.15 -22.63
N LEU B 266 1.41 -4.28 -22.37
CA LEU B 266 2.82 -4.62 -22.50
C LEU B 266 3.70 -3.71 -21.66
N LEU B 267 4.45 -4.28 -20.73
CA LEU B 267 5.41 -3.53 -19.94
C LEU B 267 6.79 -3.82 -20.52
N ARG B 268 7.60 -2.78 -20.72
CA ARG B 268 8.96 -2.94 -21.24
C ARG B 268 9.91 -1.89 -20.66
N LEU B 269 11.22 -2.17 -20.63
CA LEU B 269 12.18 -1.19 -20.11
C LEU B 269 12.26 0.02 -21.06
N SER B 270 12.38 1.23 -20.49
CA SER B 270 12.41 2.50 -21.26
C SER B 270 13.50 2.57 -22.30
N GLY B 271 14.66 2.03 -21.99
CA GLY B 271 15.81 2.10 -22.88
C GLY B 271 15.74 1.16 -24.06
N ASP B 272 16.21 -0.07 -23.86
CA ASP B 272 16.27 -1.10 -24.88
C ASP B 272 14.90 -1.64 -25.33
N GLY B 273 13.90 -1.54 -24.47
CA GLY B 273 12.59 -2.09 -24.77
C GLY B 273 12.53 -3.59 -24.50
N GLN B 274 13.29 -4.05 -23.49
CA GLN B 274 13.30 -5.44 -23.09
C GLN B 274 11.95 -5.73 -22.43
N GLU B 275 11.25 -6.77 -22.91
CA GLU B 275 9.95 -7.12 -22.37
C GLU B 275 10.03 -7.63 -20.95
N ILE B 276 9.26 -7.03 -20.04
CA ILE B 276 9.20 -7.49 -18.67
C ILE B 276 7.83 -8.15 -18.39
N ASN B 277 6.74 -7.68 -19.05
CA ASN B 277 5.39 -8.22 -18.85
C ASN B 277 4.47 -8.06 -20.06
N ARG B 278 3.47 -8.95 -20.16
CA ARG B 278 2.43 -8.90 -21.18
C ARG B 278 1.12 -9.46 -20.60
N GLY B 279 0.00 -8.86 -20.94
CA GLY B 279 -1.30 -9.30 -20.42
C GLY B 279 -2.52 -8.76 -21.12
N THR B 280 -3.70 -9.11 -20.62
CA THR B 280 -4.99 -8.68 -21.15
C THR B 280 -5.94 -8.32 -20.00
N THR B 281 -6.80 -7.32 -20.22
CA THR B 281 -7.80 -6.92 -19.24
C THR B 281 -9.19 -6.90 -19.87
N LEU B 282 -10.21 -7.18 -19.07
CA LEU B 282 -11.59 -7.16 -19.50
C LEU B 282 -12.33 -6.21 -18.55
N TRP B 283 -13.07 -5.24 -19.09
CA TRP B 283 -13.78 -4.26 -18.28
C TRP B 283 -15.27 -4.22 -18.65
N ARG B 284 -16.15 -4.24 -17.65
CA ARG B 284 -17.60 -4.18 -17.83
C ARG B 284 -18.12 -2.76 -17.55
N LYS B 285 -19.18 -2.33 -18.23
CA LYS B 285 -19.76 -1.01 -17.98
C LYS B 285 -20.40 -1.01 -16.58
N LYS B 286 -20.01 -0.03 -15.72
CA LYS B 286 -20.49 0.12 -14.34
C LYS B 286 -22.01 0.02 -14.21
O3 6SU C . -0.67 18.57 1.13
C4 6SU C . -2.36 22.99 0.74
C5 6SU C . -2.32 21.66 1.09
C6 6SU C . -1.95 21.30 2.37
C7 6SU C . -1.58 22.27 3.29
C8 6SU C . -2.02 17.23 2.90
S 6SU C . -1.92 18.61 1.82
O2 6SU C . -3.13 18.65 1.05
N 6SU C . -1.92 19.94 2.77
C3 6SU C . -2.00 23.97 1.66
C2 6SU C . -1.61 23.61 2.95
C1 6SU C . -1.19 24.64 3.93
O1 6SU C . -0.76 25.72 3.63
O 6SU C . -1.32 24.21 5.19
C 6SU C . -1.00 25.16 6.24
S SO4 D . -9.15 15.90 12.69
O1 SO4 D . -7.94 16.40 13.34
O2 SO4 D . -10.33 16.23 13.49
O3 SO4 D . -9.27 16.53 11.36
O4 SO4 D . -9.03 14.43 12.51
O3 6SU E . 9.79 -12.59 -10.58
C4 6SU E . 11.84 -13.70 -14.41
C5 6SU E . 10.88 -13.24 -13.53
C6 6SU E . 9.61 -13.78 -13.53
C7 6SU E . 9.28 -14.78 -14.45
C8 6SU E . 7.26 -12.12 -10.59
S 6SU E . 8.77 -12.16 -11.48
O2 6SU E . 8.93 -10.93 -12.17
N 6SU E . 8.62 -13.32 -12.61
C3 6SU E . 11.51 -14.69 -15.31
C2 6SU E . 10.24 -15.25 -15.33
C1 6SU E . 9.90 -16.32 -16.30
O1 6SU E . 10.53 -16.54 -17.31
O 6SU E . 8.81 -17.00 -15.95
C 6SU E . 8.41 -18.08 -16.82
S SO4 F . 3.73 -21.64 -4.28
O1 SO4 F . 4.66 -20.92 -5.17
O2 SO4 F . 3.03 -20.68 -3.41
O3 SO4 F . 2.72 -22.35 -5.09
O4 SO4 F . 4.51 -22.60 -3.47
#